data_5HY6
#
_entry.id   5HY6
#
_cell.length_a   56.780
_cell.length_b   56.780
_cell.length_c   87.421
_cell.angle_alpha   90.00
_cell.angle_beta   90.00
_cell.angle_gamma   120.00
#
_symmetry.space_group_name_H-M   'P 65'
#
loop_
_entity.id
_entity.type
_entity.pdbx_description
1 polymer 'Eukaryotic translation initiation factor 5A'
2 water water
#
_entity_poly.entity_id   1
_entity_poly.type   'polypeptide(L)'
_entity_poly.pdbx_seq_one_letter_code
;MADIEDTHFETGDSGASATFPMQCSALRKNGFVMLKGRPCKIVEMSTSKTGKHGHAKVHLVGIDIFNGKKYEDICPSTHN
MDVPHVKREDYQLTDISDDGYLTLMADNGDLREDLKIPDGDLGTQLRSDFDSGKELLCTVLKSCGEECVIAVKANTALDK
;
_entity_poly.pdbx_strand_id   A
#
# COMPACT_ATOMS: atom_id res chain seq x y z
N ALA A 16 -4.05 12.96 12.20
CA ALA A 16 -3.07 11.87 12.26
C ALA A 16 -3.76 10.50 12.17
N SER A 17 -5.03 10.52 11.78
CA SER A 17 -5.74 9.26 11.53
C SER A 17 -5.15 8.56 10.32
N ALA A 18 -5.31 7.23 10.28
CA ALA A 18 -4.81 6.48 9.13
C ALA A 18 -5.83 6.33 8.01
N THR A 19 -7.10 6.62 8.26
CA THR A 19 -8.17 6.49 7.28
C THR A 19 -9.13 7.67 7.44
N PHE A 20 -9.81 8.00 6.35
CA PHE A 20 -10.76 9.10 6.37
C PHE A 20 -12.04 8.69 5.66
N PRO A 21 -13.16 9.33 5.98
CA PRO A 21 -14.44 8.95 5.36
C PRO A 21 -14.56 9.48 3.94
N MET A 22 -15.13 8.64 3.08
CA MET A 22 -15.60 9.07 1.77
C MET A 22 -16.89 8.35 1.41
N GLN A 23 -17.77 9.07 0.75
CA GLN A 23 -19.03 8.47 0.38
C GLN A 23 -18.81 7.44 -0.71
N CYS A 24 -19.44 6.28 -0.54
CA CYS A 24 -19.25 5.15 -1.43
C CYS A 24 -19.58 5.52 -2.87
N SER A 25 -20.54 6.43 -3.06
CA SER A 25 -20.85 6.92 -4.40
C SER A 25 -19.72 7.76 -4.98
N ALA A 26 -18.78 8.19 -4.16
CA ALA A 26 -17.63 8.97 -4.63
C ALA A 26 -16.42 8.09 -4.91
N LEU A 27 -16.52 6.79 -4.69
CA LEU A 27 -15.40 5.89 -4.92
C LEU A 27 -15.24 5.62 -6.40
N ARG A 28 -14.00 5.35 -6.80
CA ARG A 28 -13.67 5.10 -8.20
C ARG A 28 -12.76 3.89 -8.32
N LYS A 29 -12.79 3.28 -9.49
CA LYS A 29 -11.88 2.17 -9.77
C LYS A 29 -10.45 2.64 -9.66
N ASN A 30 -9.62 1.79 -9.04
CA ASN A 30 -8.21 2.03 -8.77
C ASN A 30 -7.97 3.07 -7.67
N GLY A 31 -9.02 3.56 -7.02
CA GLY A 31 -8.86 4.33 -5.80
C GLY A 31 -8.65 3.45 -4.59
N PHE A 32 -8.19 4.06 -3.50
CA PHE A 32 -7.95 3.30 -2.28
C PHE A 32 -9.23 3.23 -1.46
N VAL A 33 -9.40 2.12 -0.75
CA VAL A 33 -10.53 1.94 0.14
C VAL A 33 -10.09 0.92 1.18
N MET A 34 -10.72 0.96 2.35
CA MET A 34 -10.52 -0.08 3.35
C MET A 34 -11.52 -1.19 3.10
N LEU A 35 -11.03 -2.42 3.01
CA LEU A 35 -11.88 -3.60 3.00
C LEU A 35 -11.42 -4.48 4.14
N LYS A 36 -12.27 -4.62 5.16
CA LYS A 36 -12.05 -5.57 6.24
C LYS A 36 -10.74 -5.29 6.96
N GLY A 37 -10.47 -4.00 7.14
CA GLY A 37 -9.33 -3.55 7.91
C GLY A 37 -8.05 -3.52 7.14
N ARG A 38 -8.10 -3.74 5.84
CA ARG A 38 -6.89 -3.71 5.04
C ARG A 38 -6.99 -2.62 3.99
N PRO A 39 -5.90 -1.88 3.72
CA PRO A 39 -5.94 -0.86 2.68
C PRO A 39 -5.83 -1.49 1.30
N CYS A 40 -6.84 -1.24 0.46
CA CYS A 40 -6.90 -1.85 -0.87
C CYS A 40 -7.00 -0.81 -1.97
N LYS A 41 -6.83 -1.30 -3.20
CA LYS A 41 -7.14 -0.55 -4.42
C LYS A 41 -8.37 -1.16 -5.05
N ILE A 42 -9.39 -0.34 -5.31
CA ILE A 42 -10.66 -0.84 -5.82
C ILE A 42 -10.46 -1.40 -7.21
N VAL A 43 -10.81 -2.66 -7.40
CA VAL A 43 -10.71 -3.28 -8.72
C VAL A 43 -12.06 -3.53 -9.39
N GLU A 44 -13.15 -3.66 -8.62
CA GLU A 44 -14.48 -3.75 -9.21
C GLU A 44 -15.52 -3.09 -8.32
N MET A 45 -16.56 -2.53 -8.94
CA MET A 45 -17.69 -1.93 -8.24
C MET A 45 -18.95 -2.16 -9.05
N SER A 46 -20.05 -2.42 -8.36
CA SER A 46 -21.35 -2.63 -9.01
C SER A 46 -22.44 -2.60 -7.95
N THR A 47 -23.68 -2.60 -8.43
CA THR A 47 -24.88 -2.53 -7.59
C THR A 47 -25.46 -3.93 -7.38
N SER A 48 -26.23 -4.09 -6.28
CA SER A 48 -26.89 -5.39 -6.06
C SER A 48 -27.96 -5.33 -4.97
N LYS A 49 -29.23 -5.53 -5.37
CA LYS A 49 -30.34 -5.95 -4.52
C LYS A 49 -30.75 -4.96 -3.42
N THR A 50 -32.01 -4.56 -3.40
CA THR A 50 -32.49 -3.54 -2.47
C THR A 50 -34.02 -3.67 -2.33
N GLY A 51 -34.65 -2.69 -1.67
CA GLY A 51 -36.05 -2.79 -1.32
C GLY A 51 -37.04 -1.97 -2.14
N LYS A 52 -36.56 -1.23 -3.14
CA LYS A 52 -37.37 -0.45 -4.07
C LYS A 52 -38.01 0.79 -3.41
N HIS A 53 -37.30 1.43 -2.48
CA HIS A 53 -37.75 2.70 -1.94
C HIS A 53 -36.62 3.70 -1.68
N GLY A 54 -35.37 3.36 -2.04
CA GLY A 54 -34.27 4.28 -1.93
C GLY A 54 -33.11 3.80 -1.07
N HIS A 55 -32.40 2.76 -1.50
CA HIS A 55 -31.22 2.31 -0.77
C HIS A 55 -30.21 1.83 -1.82
N ALA A 56 -29.33 0.91 -1.41
CA ALA A 56 -28.19 0.52 -2.23
C ALA A 56 -27.29 -0.51 -1.56
N LYS A 57 -26.80 -1.47 -2.35
CA LYS A 57 -25.75 -2.38 -1.89
C LYS A 57 -24.71 -2.49 -3.01
N VAL A 58 -23.70 -1.65 -2.92
CA VAL A 58 -22.57 -1.66 -3.85
C VAL A 58 -21.60 -2.76 -3.47
N HIS A 59 -21.35 -3.67 -4.40
CA HIS A 59 -20.34 -4.69 -4.24
C HIS A 59 -18.97 -4.12 -4.60
N LEU A 60 -18.00 -4.24 -3.68
CA LEU A 60 -16.65 -3.70 -3.86
C LEU A 60 -15.63 -4.82 -3.80
N VAL A 61 -14.73 -4.86 -4.79
CA VAL A 61 -13.59 -5.76 -4.75
C VAL A 61 -12.33 -4.89 -4.76
N GLY A 62 -11.30 -5.35 -4.04
CA GLY A 62 -10.05 -4.61 -3.98
C GLY A 62 -8.87 -5.51 -3.65
N ILE A 63 -7.69 -5.13 -4.16
CA ILE A 63 -6.45 -5.85 -3.91
C ILE A 63 -5.67 -5.14 -2.80
N ASP A 64 -5.28 -5.92 -1.80
CA ASP A 64 -4.43 -5.41 -0.72
C ASP A 64 -3.17 -4.77 -1.28
N ILE A 65 -2.91 -3.52 -0.90
CA ILE A 65 -1.79 -2.80 -1.50
C ILE A 65 -0.43 -3.26 -1.02
N PHE A 66 -0.38 -4.08 0.03
CA PHE A 66 0.85 -4.75 0.46
C PHE A 66 0.88 -6.21 0.05
N ASN A 67 -0.11 -7.00 0.49
CA ASN A 67 -0.15 -8.45 0.20
C ASN A 67 -0.35 -8.71 -1.29
N GLY A 68 -1.40 -8.11 -1.86
CA GLY A 68 -1.96 -8.58 -3.09
C GLY A 68 -3.16 -9.49 -2.92
N LYS A 69 -3.54 -9.78 -1.68
CA LYS A 69 -4.76 -10.55 -1.46
C LYS A 69 -5.95 -9.77 -1.99
N LYS A 70 -6.99 -10.49 -2.37
CA LYS A 70 -8.24 -9.86 -2.79
C LYS A 70 -9.24 -9.94 -1.64
N TYR A 71 -9.99 -8.87 -1.46
CA TYR A 71 -11.02 -8.77 -0.43
C TYR A 71 -12.28 -8.20 -1.06
N GLU A 72 -13.28 -8.01 -0.22
CA GLU A 72 -14.61 -7.76 -0.74
C GLU A 72 -15.52 -7.31 0.38
N ASP A 73 -16.49 -6.45 0.04
CA ASP A 73 -17.53 -6.07 0.98
C ASP A 73 -18.70 -5.48 0.20
N ILE A 74 -19.77 -5.16 0.93
CA ILE A 74 -20.99 -4.56 0.39
C ILE A 74 -21.34 -3.35 1.24
N CYS A 75 -21.72 -2.24 0.59
CA CYS A 75 -21.91 -0.99 1.31
C CYS A 75 -23.01 -0.15 0.67
N PRO A 76 -23.77 0.61 1.46
CA PRO A 76 -24.79 1.50 0.87
C PRO A 76 -24.15 2.67 0.14
N SER A 77 -24.73 3.02 -1.02
CA SER A 77 -24.26 4.20 -1.75
C SER A 77 -24.29 5.45 -0.89
N THR A 78 -25.28 5.55 0.00
CA THR A 78 -25.46 6.76 0.80
C THR A 78 -24.32 6.94 1.79
N HIS A 79 -23.92 5.88 2.46
CA HIS A 79 -23.02 6.04 3.60
C HIS A 79 -21.56 5.94 3.17
N ASN A 80 -20.69 6.37 4.08
CA ASN A 80 -19.27 6.52 3.85
C ASN A 80 -18.56 5.18 3.88
N MET A 81 -17.34 5.20 3.37
CA MET A 81 -16.34 4.17 3.61
C MET A 81 -15.14 4.80 4.28
N ASP A 82 -14.24 3.94 4.73
CA ASP A 82 -12.94 4.36 5.23
C ASP A 82 -11.93 4.24 4.10
N VAL A 83 -11.13 5.28 3.91
CA VAL A 83 -10.16 5.35 2.82
C VAL A 83 -8.79 5.63 3.42
N PRO A 84 -7.77 4.85 3.10
CA PRO A 84 -6.44 5.08 3.68
C PRO A 84 -5.79 6.29 3.09
N HIS A 85 -5.07 7.01 3.94
CA HIS A 85 -3.95 7.79 3.47
C HIS A 85 -2.84 6.83 3.08
N VAL A 86 -2.30 7.03 1.89
CA VAL A 86 -1.25 6.19 1.34
C VAL A 86 -0.12 7.10 0.91
N LYS A 87 1.07 6.83 1.39
CA LYS A 87 2.17 7.72 1.13
C LYS A 87 3.37 6.88 0.73
N ARG A 88 4.40 7.58 0.25
CA ARG A 88 5.67 6.94 -0.08
C ARG A 88 6.79 7.92 0.16
N GLU A 89 7.93 7.36 0.54
CA GLU A 89 9.13 8.14 0.73
C GLU A 89 10.29 7.32 0.20
N ASP A 90 11.29 8.00 -0.34
CA ASP A 90 12.48 7.37 -0.93
C ASP A 90 13.61 7.47 0.08
N TYR A 91 14.30 6.36 0.26
CA TYR A 91 15.44 6.31 1.15
C TYR A 91 16.64 5.84 0.34
N GLN A 92 17.85 6.24 0.75
CA GLN A 92 19.04 5.70 0.13
C GLN A 92 19.49 4.46 0.90
N LEU A 93 19.83 3.40 0.18
CA LEU A 93 20.18 2.13 0.79
C LEU A 93 21.67 2.13 1.06
N THR A 94 22.04 1.84 2.30
CA THR A 94 23.44 1.85 2.66
C THR A 94 23.96 0.52 3.18
N ASP A 95 23.10 -0.39 3.62
CA ASP A 95 23.59 -1.67 4.08
C ASP A 95 22.47 -2.70 4.02
N ILE A 96 22.87 -3.97 4.07
CA ILE A 96 21.95 -5.08 4.32
C ILE A 96 22.57 -5.98 5.38
N SER A 97 21.85 -6.23 6.46
CA SER A 97 22.37 -7.05 7.56
C SER A 97 22.15 -8.53 7.29
N ASP A 98 22.90 -9.36 8.04
CA ASP A 98 22.70 -10.81 7.97
C ASP A 98 21.25 -11.18 8.26
N ASP A 99 20.66 -10.52 9.26
CA ASP A 99 19.25 -10.63 9.59
C ASP A 99 18.36 -10.31 8.40
N GLY A 100 18.92 -9.82 7.30
CA GLY A 100 18.12 -9.42 6.16
C GLY A 100 17.42 -8.09 6.29
N TYR A 101 17.77 -7.28 7.30
CA TYR A 101 17.23 -5.93 7.45
C TYR A 101 18.02 -4.92 6.62
N LEU A 102 17.31 -3.98 6.03
CA LEU A 102 17.98 -2.92 5.27
C LEU A 102 18.31 -1.76 6.18
N THR A 103 19.44 -1.10 5.92
CA THR A 103 19.72 0.22 6.49
C THR A 103 19.37 1.29 5.47
N LEU A 104 18.38 2.11 5.80
CA LEU A 104 17.82 3.09 4.89
C LEU A 104 18.07 4.47 5.47
N MET A 105 18.50 5.41 4.63
CA MET A 105 18.84 6.76 5.07
C MET A 105 17.88 7.75 4.43
N ALA A 106 17.14 8.49 5.25
CA ALA A 106 16.20 9.48 4.75
C ALA A 106 16.95 10.73 4.30
N ASP A 107 16.21 11.62 3.60
CA ASP A 107 16.79 12.86 3.14
C ASP A 107 17.39 13.68 4.27
N ASN A 108 16.80 13.65 5.46
CA ASN A 108 17.41 14.37 6.57
C ASN A 108 18.57 13.62 7.23
N GLY A 109 18.93 12.44 6.74
CA GLY A 109 20.07 11.71 7.25
C GLY A 109 19.74 10.62 8.23
N ASP A 110 18.54 10.66 8.82
CA ASP A 110 18.18 9.65 9.80
C ASP A 110 18.21 8.27 9.17
N LEU A 111 18.77 7.30 9.89
CA LEU A 111 18.73 5.92 9.46
C LEU A 111 17.54 5.18 10.06
N ARG A 112 17.06 4.19 9.33
CA ARG A 112 16.07 3.25 9.85
C ARG A 112 16.48 1.87 9.36
N GLU A 113 16.52 0.90 10.27
CA GLU A 113 16.89 -0.47 9.93
C GLU A 113 15.78 -1.45 10.28
N ASP A 114 14.52 -0.98 10.31
CA ASP A 114 13.41 -1.86 10.63
C ASP A 114 12.74 -2.49 9.42
N LEU A 115 13.11 -2.09 8.21
CA LEU A 115 12.50 -2.65 7.01
C LEU A 115 13.41 -3.74 6.45
N LYS A 116 12.78 -4.80 5.94
CA LYS A 116 13.49 -5.97 5.48
C LYS A 116 13.56 -5.97 3.96
N ILE A 117 14.39 -6.86 3.44
CA ILE A 117 14.47 -7.12 2.01
C ILE A 117 13.07 -7.50 1.54
N PRO A 118 12.50 -6.81 0.56
CA PRO A 118 11.10 -7.07 0.19
C PRO A 118 10.91 -8.45 -0.40
N ASP A 119 9.65 -8.89 -0.42
CA ASP A 119 9.32 -10.20 -0.93
C ASP A 119 9.41 -10.23 -2.45
N GLY A 120 9.48 -11.45 -2.99
CA GLY A 120 9.35 -11.65 -4.42
C GLY A 120 10.58 -11.28 -5.23
N ASP A 121 10.32 -10.99 -6.52
CA ASP A 121 11.39 -10.64 -7.45
C ASP A 121 12.08 -9.34 -7.04
N LEU A 122 11.34 -8.42 -6.45
CA LEU A 122 11.93 -7.13 -6.06
C LEU A 122 13.03 -7.33 -5.04
N GLY A 123 12.75 -8.12 -3.99
CA GLY A 123 13.76 -8.39 -2.99
C GLY A 123 14.98 -9.06 -3.58
N THR A 124 14.78 -9.94 -4.57
CA THR A 124 15.88 -10.63 -5.22
C THR A 124 16.72 -9.67 -6.05
N GLN A 125 16.06 -8.81 -6.84
CA GLN A 125 16.79 -7.78 -7.57
C GLN A 125 17.54 -6.87 -6.61
N LEU A 126 16.87 -6.41 -5.55
CA LEU A 126 17.51 -5.54 -4.58
C LEU A 126 18.77 -6.18 -4.04
N ARG A 127 18.64 -7.43 -3.60
CA ARG A 127 19.77 -8.16 -3.06
C ARG A 127 20.91 -8.23 -4.05
N SER A 128 20.61 -8.51 -5.32
CA SER A 128 21.65 -8.65 -6.34
C SER A 128 22.30 -7.32 -6.65
N ASP A 129 21.50 -6.29 -6.90
CA ASP A 129 22.04 -4.97 -7.24
C ASP A 129 22.93 -4.43 -6.12
N PHE A 130 22.60 -4.71 -4.86
CA PHE A 130 23.46 -4.24 -3.78
C PHE A 130 24.67 -5.15 -3.60
N ASP A 131 24.55 -6.45 -3.89
CA ASP A 131 25.72 -7.32 -3.94
C ASP A 131 26.69 -6.84 -5.02
N SER A 132 26.15 -6.34 -6.14
CA SER A 132 26.92 -5.55 -7.10
C SER A 132 27.35 -4.24 -6.48
N GLY A 133 27.80 -3.28 -7.28
CA GLY A 133 28.29 -2.05 -6.68
C GLY A 133 27.35 -0.86 -6.67
N LYS A 134 26.04 -1.09 -6.85
CA LYS A 134 25.14 -0.01 -7.24
C LYS A 134 24.63 0.81 -6.07
N GLU A 135 24.55 2.12 -6.27
CA GLU A 135 23.79 2.99 -5.38
C GLU A 135 22.30 2.84 -5.68
N LEU A 136 21.50 2.61 -4.64
CA LEU A 136 20.07 2.35 -4.79
C LEU A 136 19.23 3.28 -3.94
N LEU A 137 18.11 3.70 -4.51
CA LEU A 137 17.00 4.30 -3.78
C LEU A 137 15.93 3.24 -3.60
N CYS A 138 15.44 3.12 -2.37
CA CYS A 138 14.29 2.26 -2.08
C CYS A 138 13.10 3.15 -1.77
N THR A 139 11.99 2.90 -2.45
CA THR A 139 10.74 3.62 -2.22
C THR A 139 9.93 2.82 -1.22
N VAL A 140 9.57 3.45 -0.11
CA VAL A 140 8.85 2.74 0.95
C VAL A 140 7.39 3.15 0.85
N LEU A 141 6.48 2.17 0.78
CA LEU A 141 5.03 2.43 0.82
C LEU A 141 4.56 2.46 2.28
N LYS A 142 3.77 3.46 2.64
CA LYS A 142 3.35 3.61 4.03
C LYS A 142 1.84 3.83 4.09
N SER A 143 1.14 3.01 4.89
CA SER A 143 -0.29 3.23 5.07
C SER A 143 -0.76 2.35 6.22
N CYS A 144 -1.55 2.94 7.10
CA CYS A 144 -2.21 2.20 8.18
C CYS A 144 -1.24 1.53 9.13
N GLY A 145 -0.11 2.19 9.39
CA GLY A 145 0.84 1.61 10.31
C GLY A 145 1.67 0.49 9.72
N GLU A 146 1.54 0.24 8.42
CA GLU A 146 2.35 -0.74 7.72
C GLU A 146 3.22 -0.05 6.68
N GLU A 147 4.49 -0.48 6.57
CA GLU A 147 5.45 0.06 5.62
C GLU A 147 6.30 -1.04 4.98
N CYS A 148 6.67 -0.84 3.72
CA CYS A 148 7.58 -1.77 3.07
C CYS A 148 8.09 -1.20 1.76
N VAL A 149 9.25 -1.72 1.33
CA VAL A 149 9.88 -1.34 0.06
C VAL A 149 9.05 -1.90 -1.08
N ILE A 150 8.61 -1.03 -1.99
CA ILE A 150 7.82 -1.46 -3.13
C ILE A 150 8.49 -1.19 -4.46
N ALA A 151 9.58 -0.42 -4.48
CA ALA A 151 10.29 -0.14 -5.72
C ALA A 151 11.75 0.10 -5.37
N VAL A 152 12.63 -0.33 -6.26
CA VAL A 152 14.06 -0.08 -6.08
C VAL A 152 14.54 0.57 -7.36
N LYS A 153 15.35 1.61 -7.24
CA LYS A 153 15.75 2.42 -8.37
C LYS A 153 17.23 2.70 -8.24
N ALA A 154 17.98 2.47 -9.31
CA ALA A 154 19.41 2.73 -9.28
C ALA A 154 19.67 4.22 -9.04
N ASN A 155 20.78 4.50 -8.38
CA ASN A 155 21.21 5.86 -8.08
C ASN A 155 22.57 6.10 -8.72
N THR A 156 22.76 7.33 -9.22
CA THR A 156 24.07 7.96 -9.49
C THR A 156 23.87 9.20 -10.37
#